data_1U5C
#
_entry.id   1U5C
#
_cell.length_a   80.225
_cell.length_b   86.017
_cell.length_c   91.070
_cell.angle_alpha   90.00
_cell.angle_beta   90.00
_cell.angle_gamma   90.00
#
_symmetry.space_group_name_H-M   'I 2 2 2'
#
loop_
_entity.id
_entity.type
_entity.pdbx_description
1 polymer 'L-lactate dehydrogenase'
2 non-polymer NICOTINAMIDE-ADENINE-DINUCLEOTIDE
3 non-polymer '3,7-DIHYDROXY-2-NAPHTHOIC ACID'
4 water water
#
_entity_poly.entity_id   1
_entity_poly.type   'polypeptide(L)'
_entity_poly.pdbx_seq_one_letter_code
;APKAKIVLVGSGMIGGVMATLIVQKNLGDVVLFDIVKNMPHGKALDTSHTNVMAYSNCKVSGSNTYDDLAGADVVIVTAG
FTKAPGKSDKEWNRDDLLPLNNKIMIEIGGHIKKNCPNAFIIVVTNPVDVMVQLLHQHSGVPKNKIIGLGGVLDTSRLKY
YISQKLNVCPRDVNAHIVGAHGNKMVLLKRYITVGGIPLQEFINNKLISDAELEAIFDRTVNTALEIVNLHASPYVAPAA
AIIEMAESYLKDLKKVLICSTLLEGQYGHSDIFGGTPVVLGANGVEQVIELQLNSEEKAKFDEAIAETKRMKALAHHHHH
H
;
_entity_poly.pdbx_strand_id   A
#
loop_
_chem_comp.id
_chem_comp.type
_chem_comp.name
_chem_comp.formula
BIK non-polymer '3,7-DIHYDROXY-2-NAPHTHOIC ACID' 'C11 H8 O4'
NAD non-polymer NICOTINAMIDE-ADENINE-DINUCLEOTIDE 'C21 H27 N7 O14 P2'
#
# COMPACT_ATOMS: atom_id res chain seq x y z
N ALA A 1 -26.80 1.42 -7.50
CA ALA A 1 -26.59 2.54 -6.52
C ALA A 1 -25.28 3.30 -6.83
N PRO A 2 -25.24 4.63 -6.60
CA PRO A 2 -23.98 5.35 -6.35
C PRO A 2 -22.98 4.65 -5.38
N LYS A 3 -23.39 3.66 -4.57
CA LYS A 3 -22.47 2.80 -3.84
C LYS A 3 -21.25 2.44 -4.72
N ALA A 4 -20.06 2.63 -4.20
CA ALA A 4 -18.85 2.31 -4.92
C ALA A 4 -18.69 0.81 -5.14
N LYS A 5 -18.14 0.41 -6.30
CA LYS A 5 -17.78 -0.98 -6.58
C LYS A 5 -16.25 -1.18 -6.38
N ILE A 6 -15.88 -2.05 -5.45
CA ILE A 6 -14.48 -2.22 -5.10
C ILE A 6 -14.14 -3.60 -5.50
N VAL A 7 -13.23 -3.75 -6.46
CA VAL A 7 -12.87 -5.06 -6.90
C VAL A 7 -11.47 -5.36 -6.41
N LEU A 8 -11.33 -6.55 -5.80
CA LEU A 8 -10.11 -7.10 -5.27
C LEU A 8 -9.65 -8.17 -6.23
N VAL A 9 -8.66 -7.79 -7.03
CA VAL A 9 -8.01 -8.67 -7.98
C VAL A 9 -6.95 -9.39 -7.16
N GLY A 10 -7.39 -10.51 -6.57
CA GLY A 10 -6.63 -11.28 -5.60
C GLY A 10 -7.49 -11.42 -4.35
N SER A 11 -7.87 -12.65 -4.03
CA SER A 11 -8.75 -12.97 -2.92
C SER A 11 -8.05 -13.93 -1.96
N GLY A 12 -6.75 -13.75 -1.76
CA GLY A 12 -6.00 -14.55 -0.82
C GLY A 12 -6.11 -13.91 0.53
N MET A 13 -5.00 -13.88 1.27
CA MET A 13 -5.03 -13.48 2.69
C MET A 13 -5.38 -12.01 2.80
N ILE A 14 -4.57 -11.14 2.22
CA ILE A 14 -4.87 -9.72 2.23
C ILE A 14 -6.30 -9.47 1.69
N GLY A 15 -6.61 -10.12 0.56
CA GLY A 15 -7.95 -10.09 -0.04
C GLY A 15 -9.08 -10.29 0.99
N GLY A 16 -8.89 -11.54 2.10
CA GLY A 16 -10.03 -11.74 2.97
C GLY A 16 -10.19 -10.58 3.92
N VAL A 17 -9.06 -10.04 4.36
CA VAL A 17 -9.10 -9.01 5.38
C VAL A 17 -9.72 -7.70 4.88
N MET A 18 -9.38 -7.29 3.67
CA MET A 18 -9.96 -6.06 3.10
C MET A 18 -11.47 -6.20 2.97
N ALA A 19 -11.94 -7.32 2.43
CA ALA A 19 -13.38 -7.57 2.34
C ALA A 19 -14.00 -7.37 3.70
N THR A 20 -13.42 -8.01 4.70
CA THR A 20 -13.90 -7.88 6.08
C THR A 20 -13.99 -6.44 6.52
N LEU A 21 -12.93 -5.67 6.28
CA LEU A 21 -12.82 -4.27 6.73
C LEU A 21 -13.78 -3.28 5.97
N ILE A 22 -13.91 -3.51 4.69
CA ILE A 22 -14.82 -2.76 3.87
C ILE A 22 -16.29 -2.88 4.30
N VAL A 23 -16.76 -4.09 4.60
CA VAL A 23 -18.08 -4.25 5.19
C VAL A 23 -18.12 -3.56 6.57
N GLN A 24 -17.11 -3.79 7.39
CA GLN A 24 -17.07 -3.21 8.71
C GLN A 24 -17.34 -1.71 8.64
N LYS A 25 -16.87 -1.05 7.58
CA LYS A 25 -16.92 0.40 7.45
C LYS A 25 -17.88 0.83 6.38
N ASN A 26 -18.68 -0.11 5.90
CA ASN A 26 -19.67 0.19 4.88
C ASN A 26 -19.11 1.07 3.72
N LEU A 27 -17.88 0.76 3.29
CA LEU A 27 -17.20 1.54 2.21
C LEU A 27 -17.76 1.32 0.81
N GLY A 28 -18.23 0.12 0.56
CA GLY A 28 -18.82 -0.15 -0.74
C GLY A 28 -19.10 -1.61 -0.96
N ASP A 29 -19.65 -1.91 -2.13
CA ASP A 29 -19.72 -3.29 -2.61
C ASP A 29 -18.34 -3.82 -2.93
N VAL A 30 -18.27 -5.35 -2.70
CA VAL A 30 -16.93 -5.91 -2.86
C VAL A 30 -17.02 -7.03 -3.85
N VAL A 31 -16.05 -7.10 -4.72
CA VAL A 31 -15.92 -8.27 -5.55
C VAL A 31 -14.59 -8.92 -5.21
N LEU A 32 -14.63 -10.13 -4.69
CA LEU A 32 -13.44 -10.92 -4.52
C LEU A 32 -13.17 -11.68 -5.80
N PHE A 33 -12.39 -11.08 -6.70
CA PHE A 33 -11.88 -11.78 -7.89
C PHE A 33 -10.62 -12.60 -7.59
N ASP A 34 -10.60 -13.82 -8.14
CA ASP A 34 -9.40 -14.66 -8.13
C ASP A 34 -9.47 -15.64 -9.31
N ILE A 35 -8.33 -16.22 -9.65
CA ILE A 35 -8.30 -17.28 -10.67
C ILE A 35 -8.52 -18.67 -10.07
N VAL A 36 -8.33 -18.81 -8.77
CA VAL A 36 -8.71 -20.04 -8.07
C VAL A 36 -10.25 -20.16 -8.12
N LYS A 37 -10.73 -21.30 -8.58
CA LYS A 37 -12.15 -21.47 -8.79
C LYS A 37 -12.83 -21.59 -7.44
N ASN A 38 -14.01 -20.99 -7.35
CA ASN A 38 -14.93 -21.15 -6.20
C ASN A 38 -14.50 -20.43 -4.92
N MET A 39 -13.27 -20.66 -4.45
CA MET A 39 -12.82 -20.05 -3.22
C MET A 39 -13.33 -18.61 -3.01
N PRO A 40 -13.15 -17.68 -3.94
CA PRO A 40 -13.68 -16.32 -3.77
C PRO A 40 -15.18 -16.27 -3.43
N HIS A 41 -15.97 -17.11 -4.08
CA HIS A 41 -17.39 -17.23 -3.76
C HIS A 41 -17.55 -17.68 -2.31
N GLY A 42 -16.73 -18.62 -1.87
CA GLY A 42 -16.73 -19.02 -0.49
C GLY A 42 -16.43 -17.91 0.51
N LYS A 43 -15.29 -17.23 0.38
CA LYS A 43 -14.93 -16.14 1.24
C LYS A 43 -16.01 -15.05 1.22
N ALA A 44 -16.57 -14.80 0.04
CA ALA A 44 -17.55 -13.74 -0.14
C ALA A 44 -18.81 -14.06 0.65
N LEU A 45 -19.20 -15.34 0.62
CA LEU A 45 -20.38 -15.80 1.32
C LEU A 45 -20.26 -15.55 2.83
N ASP A 46 -19.18 -16.06 3.39
CA ASP A 46 -18.87 -15.91 4.81
C ASP A 46 -18.81 -14.44 5.19
N THR A 47 -18.23 -13.65 4.29
CA THR A 47 -18.02 -12.27 4.59
C THR A 47 -19.38 -11.56 4.53
N SER A 48 -20.18 -11.85 3.51
CA SER A 48 -21.46 -11.17 3.28
C SER A 48 -22.33 -11.04 4.54
N HIS A 49 -22.33 -12.09 5.34
CA HIS A 49 -23.11 -12.22 6.57
C HIS A 49 -22.76 -11.21 7.69
N THR A 50 -21.52 -10.73 7.68
CA THR A 50 -21.12 -9.77 8.70
C THR A 50 -21.85 -8.47 8.56
N ASN A 51 -22.54 -8.31 7.42
CA ASN A 51 -23.33 -7.11 7.19
C ASN A 51 -24.28 -6.91 8.36
N VAL A 52 -24.86 -8.02 8.82
CA VAL A 52 -25.78 -8.05 9.95
C VAL A 52 -25.13 -7.55 11.20
N MET A 53 -24.05 -8.19 11.59
CA MET A 53 -23.37 -7.82 12.83
C MET A 53 -22.91 -6.38 12.79
N ALA A 54 -22.55 -5.89 11.59
CA ALA A 54 -21.98 -4.51 11.42
C ALA A 54 -22.97 -3.35 11.16
N TYR A 55 -24.28 -3.61 11.12
CA TYR A 55 -25.24 -2.57 10.70
C TYR A 55 -24.90 -2.03 9.29
N SER A 56 -24.45 -2.92 8.40
CA SER A 56 -23.92 -2.55 7.07
C SER A 56 -24.82 -3.03 5.95
N ASN A 57 -24.67 -2.42 4.76
CA ASN A 57 -25.29 -2.95 3.52
C ASN A 57 -24.36 -2.87 2.28
N CYS A 58 -23.33 -3.74 2.32
CA CYS A 58 -22.37 -3.95 1.23
C CYS A 58 -22.48 -5.34 0.64
N LYS A 59 -22.80 -5.39 -0.63
CA LYS A 59 -22.80 -6.65 -1.35
C LYS A 59 -21.38 -7.16 -1.34
N VAL A 60 -21.22 -8.45 -1.14
CA VAL A 60 -19.95 -9.12 -1.28
C VAL A 60 -20.16 -10.34 -2.14
N SER A 61 -19.55 -10.38 -3.33
CA SER A 61 -19.70 -11.53 -4.26
C SER A 61 -18.34 -12.06 -4.68
N GLY A 62 -18.31 -13.27 -5.20
CA GLY A 62 -17.08 -13.81 -5.72
C GLY A 62 -17.01 -13.64 -7.22
N SER A 63 -15.87 -14.00 -7.78
CA SER A 63 -15.71 -13.88 -9.23
C SER A 63 -14.48 -14.63 -9.70
N ASN A 64 -14.77 -15.48 -10.94
CA ASN A 64 -13.62 -16.01 -11.68
C ASN A 64 -13.59 -15.40 -13.08
N THR A 65 -14.18 -14.20 -13.22
CA THR A 65 -14.37 -13.54 -14.51
C THR A 65 -13.83 -12.13 -14.47
N TYR A 66 -12.79 -11.90 -15.28
CA TYR A 66 -12.14 -10.63 -15.34
C TYR A 66 -13.13 -9.53 -15.62
N ASP A 67 -14.15 -9.83 -16.40
CA ASP A 67 -15.03 -8.79 -16.89
C ASP A 67 -15.90 -8.27 -15.74
N ASP A 68 -15.85 -8.92 -14.58
CA ASP A 68 -16.48 -8.36 -13.39
C ASP A 68 -15.81 -7.05 -12.90
N LEU A 69 -14.77 -6.62 -13.60
CA LEU A 69 -14.07 -5.41 -13.29
C LEU A 69 -14.88 -4.22 -13.78
N ALA A 70 -15.81 -4.48 -14.71
CA ALA A 70 -16.65 -3.43 -15.32
C ALA A 70 -17.35 -2.57 -14.33
N GLY A 71 -17.19 -1.27 -14.49
CA GLY A 71 -17.76 -0.31 -13.55
C GLY A 71 -17.08 -0.19 -12.18
N ALA A 72 -15.98 -0.92 -11.97
CA ALA A 72 -15.27 -0.81 -10.69
C ALA A 72 -14.84 0.66 -10.52
N ASP A 73 -15.09 1.19 -9.32
CA ASP A 73 -14.60 2.51 -8.90
C ASP A 73 -13.20 2.45 -8.30
N VAL A 74 -12.94 1.41 -7.49
CA VAL A 74 -11.61 1.16 -6.91
C VAL A 74 -11.18 -0.24 -7.29
N VAL A 75 -9.92 -0.45 -7.63
CA VAL A 75 -9.35 -1.78 -7.87
C VAL A 75 -8.09 -1.95 -7.06
N ILE A 76 -7.96 -3.10 -6.40
CA ILE A 76 -6.85 -3.33 -5.49
C ILE A 76 -6.23 -4.65 -5.85
N VAL A 77 -4.98 -4.59 -6.35
CA VAL A 77 -4.28 -5.74 -6.91
C VAL A 77 -3.26 -6.38 -5.93
N THR A 78 -3.56 -7.60 -5.51
CA THR A 78 -2.69 -8.46 -4.68
C THR A 78 -2.30 -9.74 -5.40
N ALA A 79 -2.86 -9.97 -6.58
CA ALA A 79 -2.53 -11.17 -7.35
C ALA A 79 -1.01 -11.36 -7.52
N GLY A 80 -0.53 -12.60 -7.50
CA GLY A 80 0.84 -12.90 -7.88
C GLY A 80 1.42 -13.97 -6.98
N PHE A 81 2.68 -14.36 -7.21
CA PHE A 81 3.38 -15.39 -6.37
C PHE A 81 4.18 -14.83 -5.20
N THR A 82 5.34 -15.32 -5.06
CA THR A 82 6.22 -14.68 -4.09
C THR A 82 7.65 -15.21 -4.15
N ARG A 94 12.24 -13.86 -4.66
CA ARG A 94 13.34 -13.96 -5.64
C ARG A 94 13.04 -13.13 -6.88
N ASP A 95 14.12 -12.83 -7.62
CA ASP A 95 14.02 -12.15 -8.90
C ASP A 95 13.59 -13.08 -10.03
N ASP A 96 13.36 -14.34 -9.73
CA ASP A 96 12.83 -15.29 -10.70
C ASP A 96 11.34 -15.05 -10.93
N LEU A 97 10.63 -14.62 -9.89
CA LEU A 97 9.21 -14.38 -9.96
C LEU A 97 8.83 -13.08 -10.66
N LEU A 98 9.80 -12.22 -10.95
CA LEU A 98 9.54 -10.89 -11.55
C LEU A 98 8.93 -10.91 -12.95
N PRO A 99 9.53 -11.64 -13.91
CA PRO A 99 9.04 -11.61 -15.29
C PRO A 99 7.63 -12.24 -15.30
N LEU A 100 7.36 -12.91 -14.18
CA LEU A 100 6.16 -13.71 -13.99
C LEU A 100 4.98 -12.95 -13.37
N ASN A 101 5.24 -12.22 -12.27
CA ASN A 101 4.29 -11.27 -11.71
C ASN A 101 4.08 -10.10 -12.68
N ASN A 102 5.11 -9.82 -13.50
CA ASN A 102 5.01 -8.87 -14.62
C ASN A 102 3.98 -9.34 -15.65
N LYS A 103 3.97 -10.63 -15.99
CA LYS A 103 2.96 -11.19 -16.91
C LYS A 103 1.56 -11.09 -16.30
N ILE A 104 1.48 -11.13 -14.97
CA ILE A 104 0.19 -11.02 -14.29
C ILE A 104 -0.34 -9.57 -14.28
N MET A 105 0.56 -8.60 -14.06
CA MET A 105 0.22 -7.19 -14.13
C MET A 105 -0.22 -6.83 -15.53
N ILE A 106 0.47 -7.39 -16.53
CA ILE A 106 0.15 -7.16 -17.96
C ILE A 106 -1.23 -7.65 -18.29
N GLU A 107 -1.60 -8.83 -17.79
CA GLU A 107 -2.93 -9.33 -18.02
C GLU A 107 -3.97 -8.48 -17.33
N ILE A 108 -3.66 -8.04 -16.11
CA ILE A 108 -4.65 -7.28 -15.34
C ILE A 108 -4.88 -5.90 -15.95
N GLY A 109 -3.81 -5.21 -16.34
CA GLY A 109 -3.92 -3.88 -16.92
C GLY A 109 -4.75 -3.93 -18.19
N GLY A 110 -4.56 -4.97 -18.98
CA GLY A 110 -5.39 -5.17 -20.15
C GLY A 110 -6.87 -5.10 -19.82
N HIS A 111 -7.26 -5.83 -18.78
CA HIS A 111 -8.64 -5.85 -18.34
C HIS A 111 -9.10 -4.57 -17.67
N ILE A 112 -8.21 -3.88 -17.00
CA ILE A 112 -8.60 -2.62 -16.42
C ILE A 112 -8.87 -1.61 -17.54
N LYS A 113 -7.99 -1.55 -18.54
CA LYS A 113 -8.16 -0.62 -19.66
C LYS A 113 -9.44 -0.92 -20.39
N LYS A 114 -9.79 -2.18 -20.49
CA LYS A 114 -10.96 -2.60 -21.26
C LYS A 114 -12.19 -2.29 -20.46
N ASN A 115 -12.22 -2.72 -19.19
CA ASN A 115 -13.45 -2.71 -18.38
C ASN A 115 -13.67 -1.51 -17.42
N CYS A 116 -12.62 -0.88 -16.92
CA CYS A 116 -12.78 0.16 -15.89
C CYS A 116 -11.63 1.13 -15.93
N PRO A 117 -11.47 1.80 -17.05
CA PRO A 117 -10.36 2.72 -17.25
C PRO A 117 -10.40 3.87 -16.30
N ASN A 118 -11.54 4.25 -15.75
CA ASN A 118 -11.56 5.38 -14.78
C ASN A 118 -11.47 4.98 -13.31
N ALA A 119 -11.12 3.72 -13.05
CA ALA A 119 -10.97 3.22 -11.71
C ALA A 119 -9.74 3.79 -11.06
N PHE A 120 -9.81 3.96 -9.74
CA PHE A 120 -8.63 4.22 -8.90
C PHE A 120 -7.88 2.91 -8.54
N ILE A 121 -6.57 2.86 -8.73
CA ILE A 121 -5.88 1.61 -8.62
C ILE A 121 -4.85 1.68 -7.51
N ILE A 122 -4.76 0.58 -6.75
CA ILE A 122 -3.80 0.44 -5.68
C ILE A 122 -3.11 -0.90 -5.93
N VAL A 123 -1.78 -0.87 -6.04
CA VAL A 123 -1.04 -2.09 -6.28
C VAL A 123 -0.34 -2.56 -5.00
N VAL A 124 -0.40 -3.86 -4.77
CA VAL A 124 0.22 -4.42 -3.60
C VAL A 124 1.27 -5.41 -4.00
N THR A 125 1.02 -6.19 -5.04
CA THR A 125 1.96 -7.19 -5.52
C THR A 125 3.36 -6.66 -5.47
N ASN A 126 4.23 -7.48 -4.90
CA ASN A 126 5.63 -7.13 -4.77
C ASN A 126 6.51 -7.67 -5.93
N PRO A 127 7.63 -6.98 -6.19
CA PRO A 127 7.98 -5.77 -5.47
C PRO A 127 7.18 -4.61 -6.04
N VAL A 128 6.55 -3.89 -5.12
CA VAL A 128 5.41 -3.01 -5.40
C VAL A 128 5.77 -1.79 -6.23
N ASP A 129 6.95 -1.19 -6.05
CA ASP A 129 7.37 0.01 -6.82
C ASP A 129 7.70 -0.25 -8.29
N VAL A 130 8.16 -1.46 -8.53
CA VAL A 130 8.32 -1.99 -9.86
C VAL A 130 6.92 -2.27 -10.44
N MET A 131 6.18 -3.12 -9.71
CA MET A 131 4.91 -3.69 -10.20
C MET A 131 3.83 -2.64 -10.44
N VAL A 132 3.87 -1.55 -9.67
CA VAL A 132 2.87 -0.49 -9.80
C VAL A 132 3.04 0.24 -11.14
N GLN A 133 4.31 0.48 -11.50
CA GLN A 133 4.66 1.14 -12.75
C GLN A 133 4.30 0.29 -13.91
N LEU A 134 4.63 -1.00 -13.82
CA LEU A 134 4.21 -1.99 -14.83
C LEU A 134 2.72 -1.95 -15.21
N LEU A 135 1.88 -1.85 -14.18
CA LEU A 135 0.43 -1.79 -14.34
C LEU A 135 -0.01 -0.41 -14.81
N HIS A 136 0.67 0.62 -14.34
CA HIS A 136 0.39 1.95 -14.83
C HIS A 136 0.46 1.96 -16.40
N GLN A 137 1.54 1.39 -16.94
CA GLN A 137 1.80 1.45 -18.37
C GLN A 137 0.85 0.57 -19.19
N HIS A 138 0.44 -0.57 -18.62
CA HIS A 138 -0.41 -1.50 -19.35
C HIS A 138 -1.90 -1.24 -19.22
N SER A 139 -2.32 -0.70 -18.09
CA SER A 139 -3.71 -0.28 -17.92
C SER A 139 -4.04 1.04 -18.62
N GLY A 140 -3.07 1.94 -18.68
CA GLY A 140 -3.26 3.20 -19.35
C GLY A 140 -3.93 4.28 -18.52
N VAL A 141 -4.14 4.06 -17.23
CA VAL A 141 -4.78 5.07 -16.37
C VAL A 141 -3.89 6.29 -16.14
N PRO A 142 -4.50 7.45 -15.82
CA PRO A 142 -3.74 8.66 -15.49
C PRO A 142 -2.85 8.50 -14.24
N LYS A 143 -1.78 9.28 -14.16
CA LYS A 143 -0.75 9.06 -13.13
C LYS A 143 -1.28 9.25 -11.71
N ASN A 144 -2.28 10.13 -11.60
CA ASN A 144 -2.91 10.44 -10.33
C ASN A 144 -3.94 9.41 -9.96
N LYS A 145 -4.17 8.41 -10.80
CA LYS A 145 -5.16 7.37 -10.49
C LYS A 145 -4.56 6.00 -10.11
N ILE A 146 -3.27 5.96 -9.80
CA ILE A 146 -2.68 4.69 -9.42
C ILE A 146 -1.52 4.88 -8.46
N ILE A 147 -1.55 4.12 -7.37
CA ILE A 147 -0.48 4.12 -6.38
C ILE A 147 -0.18 2.68 -5.95
N GLY A 148 0.98 2.46 -5.31
CA GLY A 148 1.31 1.19 -4.71
C GLY A 148 1.35 1.28 -3.18
N LEU A 149 0.86 0.24 -2.50
CA LEU A 149 1.06 0.12 -1.08
C LEU A 149 2.52 0.06 -0.70
N GLY A 150 2.89 0.75 0.36
CA GLY A 150 4.23 0.63 0.89
C GLY A 150 4.42 1.46 2.13
N GLY A 151 4.52 2.76 1.93
CA GLY A 151 4.79 3.70 3.03
C GLY A 151 3.87 3.58 4.24
N VAL A 152 2.57 3.45 4.00
CA VAL A 152 1.61 3.42 5.10
C VAL A 152 1.89 2.23 5.97
N LEU A 153 2.11 1.08 5.36
CA LEU A 153 2.37 -0.14 6.11
C LEU A 153 3.71 -0.06 6.94
N ASP A 154 4.82 0.15 6.23
CA ASP A 154 6.12 0.39 6.83
C ASP A 154 6.11 1.42 7.97
N THR A 155 5.46 2.56 7.79
CA THR A 155 5.46 3.53 8.89
C THR A 155 4.62 3.12 10.11
N SER A 156 3.51 2.40 9.88
CA SER A 156 2.71 1.85 10.98
C SER A 156 3.58 1.00 11.92
N ARG A 157 4.60 0.31 11.40
CA ARG A 157 5.49 -0.42 12.25
C ARG A 157 6.42 0.49 13.00
N LEU A 158 7.02 1.44 12.28
CA LEU A 158 7.88 2.43 12.95
C LEU A 158 7.05 3.20 13.99
N LYS A 159 5.91 3.74 13.59
CA LYS A 159 5.09 4.46 14.55
C LYS A 159 4.76 3.59 15.79
N TYR A 160 4.34 2.33 15.59
CA TYR A 160 3.88 1.51 16.71
C TYR A 160 5.00 1.24 17.69
N TYR A 161 6.11 0.69 17.19
CA TYR A 161 7.23 0.32 18.06
C TYR A 161 7.61 1.51 18.99
N ILE A 162 7.79 2.69 18.41
CA ILE A 162 8.12 3.88 19.19
C ILE A 162 7.03 4.21 20.23
N SER A 163 5.77 3.97 19.88
CA SER A 163 4.66 4.39 20.69
C SER A 163 4.64 3.57 21.97
N GLN A 164 5.14 2.35 21.85
CA GLN A 164 5.12 1.38 22.93
C GLN A 164 6.31 1.60 23.86
N LYS A 165 7.31 2.33 23.41
CA LYS A 165 8.39 2.71 24.30
C LYS A 165 8.01 3.98 25.08
N LEU A 166 7.31 4.89 24.42
CA LEU A 166 7.00 6.21 24.98
C LEU A 166 5.66 6.19 25.69
N ASN A 167 5.01 5.03 25.65
CA ASN A 167 3.67 4.89 26.22
C ASN A 167 2.71 6.02 25.78
N VAL A 168 2.62 6.20 24.47
CA VAL A 168 1.60 7.08 23.91
C VAL A 168 0.81 6.38 22.82
N CYS A 169 -0.36 6.92 22.55
CA CYS A 169 -1.24 6.41 21.50
C CYS A 169 -0.47 6.21 20.20
N PRO A 170 -0.57 5.04 19.61
CA PRO A 170 0.19 4.76 18.40
C PRO A 170 0.09 5.80 17.29
N ARG A 171 -1.13 6.31 17.08
CA ARG A 171 -1.38 7.21 15.94
C ARG A 171 -0.67 8.57 16.17
N ASP A 172 -0.28 8.82 17.43
CA ASP A 172 0.33 10.10 17.83
C ASP A 172 1.82 10.11 17.51
N VAL A 173 2.33 8.97 17.08
CA VAL A 173 3.64 8.95 16.45
C VAL A 173 3.46 9.21 14.94
N ASN A 174 4.17 10.18 14.41
CA ASN A 174 4.31 10.29 12.96
C ASN A 174 5.77 10.02 12.53
N ALA A 175 5.90 9.44 11.35
CA ALA A 175 7.19 9.03 10.80
C ALA A 175 7.03 9.04 9.31
N HIS A 176 8.17 8.94 8.64
CA HIS A 176 8.24 8.92 7.17
C HIS A 176 9.24 7.91 6.73
N ILE A 177 8.78 7.01 5.87
CA ILE A 177 9.66 6.09 5.16
C ILE A 177 9.43 6.29 3.66
N VAL A 178 10.52 6.45 2.91
CA VAL A 178 10.38 6.78 1.49
C VAL A 178 11.26 5.95 0.58
N GLY A 179 11.10 6.21 -0.71
CA GLY A 179 12.02 5.69 -1.73
C GLY A 179 11.51 4.40 -2.31
N ALA A 180 11.54 3.36 -1.48
CA ALA A 180 10.98 2.10 -1.86
C ALA A 180 10.31 1.41 -0.69
N HIS A 181 9.40 0.50 -0.99
CA HIS A 181 9.02 -0.56 -0.06
C HIS A 181 10.19 -1.53 -0.12
N GLY A 182 10.30 -2.50 0.79
CA GLY A 182 11.44 -3.40 0.80
C GLY A 182 12.67 -2.95 1.58
N ASN A 183 13.71 -3.78 1.49
CA ASN A 183 15.00 -3.56 2.18
C ASN A 183 15.71 -2.18 1.96
N LYS A 184 15.45 -1.53 0.85
CA LYS A 184 16.13 -0.27 0.58
C LYS A 184 15.29 0.90 1.02
N MET A 185 14.20 0.62 1.75
CA MET A 185 13.31 1.67 2.27
C MET A 185 14.13 2.61 3.10
N VAL A 186 13.76 3.88 3.09
CA VAL A 186 14.54 4.91 3.77
C VAL A 186 13.82 5.41 4.97
N LEU A 187 14.35 5.12 6.15
CA LEU A 187 13.77 5.66 7.39
C LEU A 187 14.39 7.03 7.67
N LEU A 188 13.54 8.04 7.76
CA LEU A 188 13.99 9.38 8.05
C LEU A 188 13.76 9.63 9.52
N LYS A 189 14.82 9.38 10.30
CA LYS A 189 14.90 9.77 11.70
C LYS A 189 14.59 11.27 11.92
N ARG A 190 14.90 12.11 10.95
CA ARG A 190 14.72 13.54 11.09
C ARG A 190 13.22 13.97 11.06
N TYR A 191 12.38 13.15 10.41
CA TYR A 191 10.96 13.46 10.25
C TYR A 191 10.00 12.66 11.18
N ILE A 192 10.49 12.22 12.33
CA ILE A 192 9.69 11.47 13.30
C ILE A 192 9.26 12.45 14.34
N THR A 193 7.97 12.47 14.70
CA THR A 193 7.43 13.33 15.75
C THR A 193 6.56 12.53 16.68
N VAL A 194 6.32 13.10 17.86
CA VAL A 194 5.39 12.54 18.83
C VAL A 194 4.47 13.65 19.33
N GLY A 195 3.18 13.45 19.10
CA GLY A 195 2.20 14.49 19.35
C GLY A 195 2.61 15.82 18.73
N GLY A 196 3.16 15.75 17.50
CA GLY A 196 3.56 16.94 16.75
C GLY A 196 4.94 17.49 17.06
N ILE A 197 5.58 16.89 18.06
CA ILE A 197 6.82 17.39 18.64
C ILE A 197 7.91 16.55 18.08
N PRO A 198 9.02 17.19 17.73
CA PRO A 198 10.18 16.46 17.25
C PRO A 198 10.68 15.41 18.24
N LEU A 199 10.98 14.26 17.66
CA LEU A 199 11.50 13.12 18.40
C LEU A 199 12.78 13.42 19.12
N GLN A 200 13.59 14.30 18.54
CA GLN A 200 14.86 14.68 19.17
C GLN A 200 14.60 15.16 20.56
N GLU A 201 13.57 15.96 20.77
CA GLU A 201 13.28 16.45 22.12
C GLU A 201 13.17 15.35 23.15
N PHE A 202 12.60 14.21 22.74
CA PHE A 202 12.42 13.04 23.60
C PHE A 202 13.71 12.22 23.76
N ILE A 203 14.59 12.27 22.74
CA ILE A 203 15.97 11.78 22.87
C ILE A 203 16.78 12.59 23.91
N ASN A 204 16.72 13.91 23.79
CA ASN A 204 17.37 14.81 24.72
C ASN A 204 16.95 14.56 26.17
N ASN A 205 15.69 14.15 26.39
CA ASN A 205 15.15 13.90 27.75
C ASN A 205 15.44 12.50 28.26
N LYS A 206 16.18 11.73 27.46
CA LYS A 206 16.61 10.42 27.89
C LYS A 206 15.42 9.47 28.08
N LEU A 207 14.06 9.99 27.35
CA LEU A 207 12.92 9.08 27.36
C LEU A 207 13.12 7.93 26.37
N ILE A 208 13.84 8.21 25.28
CA ILE A 208 14.20 7.20 24.29
C ILE A 208 15.60 7.52 23.80
N SER A 209 16.45 6.50 23.69
CA SER A 209 17.85 6.65 23.27
C SER A 209 18.03 6.46 21.75
N ASP A 210 19.16 6.91 21.25
CA ASP A 210 19.51 6.69 19.86
C ASP A 210 19.75 5.22 19.56
N ALA A 211 20.35 4.50 20.52
CA ALA A 211 20.58 3.06 20.38
C ALA A 211 19.28 2.27 20.29
N GLU A 212 18.32 2.67 21.10
CA GLU A 212 17.00 2.04 21.07
C GLU A 212 16.45 2.22 19.69
N LEU A 213 16.52 3.66 19.28
CA LEU A 213 15.73 4.01 18.11
C LEU A 213 16.30 3.28 16.87
N GLU A 214 17.60 3.04 16.89
CA GLU A 214 18.28 2.29 15.83
C GLU A 214 17.90 0.82 15.79
N ALA A 215 17.67 0.24 16.99
CA ALA A 215 17.14 -1.12 17.10
C ALA A 215 15.74 -1.21 16.50
N ILE A 216 14.92 -0.20 16.78
CA ILE A 216 13.58 -0.04 16.20
C ILE A 216 13.59 0.11 14.66
N PHE A 217 14.50 0.93 14.14
CA PHE A 217 14.68 1.05 12.69
C PHE A 217 14.96 -0.29 12.01
N ASP A 218 15.90 -1.07 12.54
CA ASP A 218 16.21 -2.38 11.97
C ASP A 218 15.02 -3.32 12.14
N ARG A 219 14.34 -3.21 13.28
CA ARG A 219 13.12 -3.97 13.49
C ARG A 219 12.05 -3.68 12.41
N THR A 220 11.89 -2.37 12.13
CA THR A 220 10.94 -1.86 11.17
C THR A 220 11.26 -2.42 9.80
N VAL A 221 12.54 -2.35 9.42
CA VAL A 221 12.98 -2.82 8.10
C VAL A 221 12.78 -4.34 7.98
N ASN A 222 12.95 -5.05 9.09
CA ASN A 222 12.91 -6.52 9.08
C ASN A 222 11.61 -7.14 9.55
N THR A 223 10.55 -6.35 9.65
CA THR A 223 9.33 -6.86 10.25
C THR A 223 8.72 -8.03 9.49
N ALA A 224 8.58 -7.91 8.17
CA ALA A 224 7.84 -8.91 7.44
C ALA A 224 8.59 -10.19 7.66
N LEU A 225 9.91 -10.09 7.62
CA LEU A 225 10.78 -11.23 7.82
C LEU A 225 10.65 -11.81 9.24
N GLU A 226 10.58 -10.95 10.25
CA GLU A 226 10.36 -11.35 11.65
C GLU A 226 9.06 -12.12 11.82
N ILE A 227 8.02 -11.66 11.08
CA ILE A 227 6.70 -12.29 11.12
C ILE A 227 6.78 -13.68 10.49
N VAL A 228 7.39 -13.78 9.31
CA VAL A 228 7.59 -15.09 8.64
C VAL A 228 8.34 -16.13 9.52
N ASN A 229 9.45 -15.75 10.15
CA ASN A 229 10.16 -16.68 11.02
C ASN A 229 9.43 -17.06 12.33
N LEU A 230 8.33 -16.37 12.65
CA LEU A 230 7.47 -16.78 13.76
C LEU A 230 6.34 -17.69 13.29
N HIS A 231 6.46 -18.22 12.07
CA HIS A 231 5.46 -19.13 11.50
C HIS A 231 4.11 -18.44 11.33
N ALA A 232 4.14 -17.18 10.91
CA ALA A 232 2.94 -16.48 10.47
C ALA A 232 3.28 -15.82 9.11
N SER A 233 2.34 -15.04 8.57
CA SER A 233 2.58 -14.26 7.36
C SER A 233 1.91 -12.88 7.50
N PRO A 234 2.60 -11.81 7.08
CA PRO A 234 2.08 -10.46 7.26
C PRO A 234 0.93 -10.16 6.31
N TYR A 235 -0.31 -10.12 6.80
CA TYR A 235 -1.43 -9.76 5.92
C TYR A 235 -2.50 -8.90 6.51
N VAL A 236 -2.57 -8.80 7.82
CA VAL A 236 -3.61 -7.96 8.42
C VAL A 236 -3.28 -6.46 8.38
N ALA A 237 -2.04 -6.12 8.71
CA ALA A 237 -1.58 -4.74 8.57
C ALA A 237 -1.65 -4.23 7.11
N PRO A 238 -1.06 -4.97 6.18
CA PRO A 238 -1.20 -4.64 4.76
C PRO A 238 -2.64 -4.30 4.37
N ALA A 239 -3.56 -5.18 4.77
CA ALA A 239 -4.99 -4.97 4.57
C ALA A 239 -5.47 -3.64 5.14
N ALA A 240 -5.23 -3.40 6.40
CA ALA A 240 -5.72 -2.17 7.05
C ALA A 240 -5.21 -0.89 6.42
N ALA A 241 -3.97 -0.93 5.95
CA ALA A 241 -3.33 0.24 5.37
C ALA A 241 -3.91 0.47 3.99
N ILE A 242 -4.03 -0.59 3.19
CA ILE A 242 -4.67 -0.48 1.90
C ILE A 242 -6.03 0.18 2.06
N ILE A 243 -6.85 -0.36 2.97
CA ILE A 243 -8.14 0.25 3.26
C ILE A 243 -8.03 1.70 3.77
N GLU A 244 -7.00 2.02 4.56
CA GLU A 244 -6.88 3.42 4.93
C GLU A 244 -6.75 4.27 3.68
N MET A 245 -6.01 3.78 2.70
CA MET A 245 -5.79 4.55 1.49
C MET A 245 -7.06 4.60 0.68
N ALA A 246 -7.70 3.45 0.52
CA ALA A 246 -8.93 3.32 -0.28
C ALA A 246 -10.05 4.24 0.28
N GLU A 247 -10.18 4.24 1.60
CA GLU A 247 -11.16 5.05 2.28
C GLU A 247 -10.90 6.52 2.07
N SER A 248 -9.63 6.92 2.11
CA SER A 248 -9.30 8.30 1.82
C SER A 248 -9.71 8.70 0.39
N TYR A 249 -9.62 7.75 -0.56
CA TYR A 249 -10.05 8.01 -1.93
C TYR A 249 -11.58 8.20 -1.97
N LEU A 250 -12.28 7.19 -1.47
CA LEU A 250 -13.72 7.14 -1.53
C LEU A 250 -14.41 8.30 -0.75
N LYS A 251 -13.99 8.48 0.50
CA LYS A 251 -14.53 9.54 1.35
C LYS A 251 -13.97 10.96 1.09
N ASP A 252 -12.95 11.13 0.24
CA ASP A 252 -12.38 12.50 -0.03
C ASP A 252 -11.76 13.15 1.23
N LEU A 253 -10.96 12.35 1.91
CA LEU A 253 -10.44 12.74 3.21
C LEU A 253 -9.20 13.58 3.06
N LYS A 254 -8.58 13.56 1.91
CA LYS A 254 -7.29 14.28 1.68
C LYS A 254 -6.20 13.95 2.75
N LYS A 255 -6.06 12.67 3.05
CA LYS A 255 -5.11 12.25 4.06
C LYS A 255 -3.76 12.37 3.40
N VAL A 256 -2.76 12.73 4.20
CA VAL A 256 -1.38 12.65 3.76
C VAL A 256 -0.96 11.21 4.01
N LEU A 257 -0.78 10.44 2.94
CA LEU A 257 -0.36 9.06 3.09
C LEU A 257 0.84 8.72 2.17
N ILE A 258 1.83 8.05 2.72
CA ILE A 258 2.99 7.67 1.90
C ILE A 258 2.73 6.47 1.02
N CYS A 259 2.76 6.71 -0.30
CA CYS A 259 2.51 5.65 -1.28
C CYS A 259 3.53 5.77 -2.39
N SER A 260 3.65 4.67 -3.14
CA SER A 260 4.41 4.63 -4.39
C SER A 260 3.69 5.32 -5.54
N THR A 261 4.34 6.28 -6.15
CA THR A 261 3.70 7.10 -7.17
C THR A 261 4.68 7.59 -8.21
N LEU A 262 4.16 8.21 -9.27
CA LEU A 262 5.01 8.56 -10.39
C LEU A 262 5.76 9.82 -10.04
N LEU A 263 7.08 9.68 -9.99
CA LEU A 263 7.99 10.80 -9.86
C LEU A 263 8.24 11.52 -11.18
N GLU A 264 8.03 12.83 -11.11
CA GLU A 264 8.24 13.70 -12.24
C GLU A 264 9.15 14.82 -11.76
N GLY A 265 10.30 14.43 -11.20
CA GLY A 265 11.38 15.36 -10.93
C GLY A 265 11.68 15.49 -9.46
N GLN A 266 10.80 14.97 -8.61
CA GLN A 266 11.00 15.06 -7.17
C GLN A 266 12.19 14.23 -6.77
N TYR A 267 12.93 14.71 -5.78
CA TYR A 267 14.11 13.99 -5.31
C TYR A 267 15.09 13.77 -6.44
N GLY A 268 14.91 14.50 -7.55
CA GLY A 268 15.81 14.47 -8.70
C GLY A 268 15.56 13.30 -9.61
N HIS A 269 14.37 12.70 -9.46
CA HIS A 269 14.05 11.42 -10.09
C HIS A 269 12.87 11.50 -11.02
N SER A 270 12.93 10.77 -12.11
CA SER A 270 11.89 10.84 -13.11
C SER A 270 11.59 9.45 -13.66
N ASP A 271 10.45 9.32 -14.35
CA ASP A 271 10.10 8.18 -15.17
C ASP A 271 10.24 6.86 -14.46
N ILE A 272 9.84 7.19 -12.84
CA ILE A 272 9.90 5.94 -12.07
C ILE A 272 8.89 6.14 -10.94
N PHE A 273 8.45 5.05 -10.32
CA PHE A 273 7.62 5.12 -9.12
C PHE A 273 8.47 4.96 -7.86
N GLY A 274 8.19 5.77 -6.87
CA GLY A 274 8.85 5.67 -5.59
C GLY A 274 7.99 6.18 -4.46
N GLY A 275 8.32 5.74 -3.25
CA GLY A 275 7.53 6.07 -2.06
C GLY A 275 7.70 7.51 -1.64
N THR A 276 6.58 8.20 -1.46
CA THR A 276 6.59 9.57 -0.98
C THR A 276 5.20 9.96 -0.49
N PRO A 277 5.11 10.87 0.49
CA PRO A 277 3.80 11.33 0.95
C PRO A 277 3.01 11.93 -0.19
N VAL A 278 1.80 11.45 -0.34
CA VAL A 278 0.84 12.05 -1.25
C VAL A 278 -0.43 12.39 -0.47
N VAL A 279 -1.35 13.07 -1.13
CA VAL A 279 -2.63 13.42 -0.54
C VAL A 279 -3.64 12.69 -1.35
N LEU A 280 -4.36 11.77 -0.73
CA LEU A 280 -5.42 11.02 -1.43
C LEU A 280 -6.80 11.62 -1.13
N GLY A 281 -7.48 12.02 -2.20
CA GLY A 281 -8.86 12.42 -2.14
C GLY A 281 -9.57 12.02 -3.42
N ALA A 282 -10.60 12.79 -3.74
CA ALA A 282 -11.60 12.40 -4.75
C ALA A 282 -11.04 12.29 -6.17
N ASN A 283 -10.04 13.12 -6.45
CA ASN A 283 -9.24 13.13 -7.66
C ASN A 283 -8.06 12.16 -7.62
N GLY A 284 -8.05 11.27 -6.66
CA GLY A 284 -6.94 10.36 -6.49
C GLY A 284 -5.76 10.99 -5.78
N VAL A 285 -4.58 10.84 -6.38
CA VAL A 285 -3.39 11.57 -5.98
C VAL A 285 -3.64 13.06 -6.30
N GLU A 286 -3.92 13.85 -5.29
CA GLU A 286 -4.23 15.23 -5.51
C GLU A 286 -2.99 16.07 -5.39
N GLN A 287 -1.89 15.52 -4.53
CA GLN A 287 -0.63 16.24 -4.41
C GLN A 287 0.39 15.19 -4.20
N VAL A 288 1.57 15.48 -4.72
CA VAL A 288 2.76 14.72 -4.42
C VAL A 288 3.66 15.64 -3.64
N ILE A 289 3.86 15.30 -2.36
CA ILE A 289 4.72 16.08 -1.46
C ILE A 289 6.12 15.56 -1.51
N GLU A 290 7.04 16.48 -1.77
CA GLU A 290 8.46 16.18 -1.85
C GLU A 290 9.13 16.66 -0.56
N LEU A 291 9.79 15.73 0.11
CA LEU A 291 10.47 16.03 1.35
C LEU A 291 11.80 16.72 1.00
N GLN A 292 12.14 17.76 1.77
CA GLN A 292 13.31 18.58 1.52
C GLN A 292 14.49 17.93 2.19
N LEU A 293 14.86 16.81 1.58
CA LEU A 293 15.88 15.93 2.12
C LEU A 293 17.26 16.52 1.98
N ASN A 294 18.09 16.27 2.98
CA ASN A 294 19.47 16.63 2.81
C ASN A 294 20.13 15.56 1.98
N SER A 295 21.38 15.85 1.59
CA SER A 295 22.15 15.03 0.67
C SER A 295 22.28 13.61 1.20
N GLU A 296 22.38 13.49 2.53
CA GLU A 296 22.57 12.20 3.19
C GLU A 296 21.36 11.26 2.97
N GLU A 297 20.18 11.84 3.19
CA GLU A 297 18.94 11.13 3.02
C GLU A 297 18.58 10.99 1.56
N LYS A 298 19.12 11.86 0.72
CA LYS A 298 18.90 11.77 -0.72
C LYS A 298 19.77 10.68 -1.30
N ALA A 299 20.96 10.48 -0.73
CA ALA A 299 21.82 9.37 -1.17
C ALA A 299 21.09 8.09 -0.91
N LYS A 300 20.41 8.00 0.22
CA LYS A 300 19.67 6.77 0.52
C LYS A 300 18.47 6.56 -0.41
N PHE A 301 17.83 7.64 -0.80
CA PHE A 301 16.70 7.61 -1.68
C PHE A 301 17.16 7.04 -2.99
N ASP A 302 18.38 7.42 -3.38
CA ASP A 302 18.93 7.04 -4.67
C ASP A 302 19.14 5.56 -4.74
N GLU A 303 19.68 4.96 -3.69
CA GLU A 303 19.86 3.50 -3.62
C GLU A 303 18.55 2.72 -3.73
N ALA A 304 17.47 3.33 -3.25
CA ALA A 304 16.16 2.67 -3.28
C ALA A 304 15.60 2.67 -4.70
N ILE A 305 15.67 3.83 -5.34
CA ILE A 305 15.28 3.95 -6.73
C ILE A 305 16.14 3.08 -7.63
N ALA A 306 17.38 2.81 -7.26
CA ALA A 306 18.29 2.03 -8.12
C ALA A 306 17.97 0.51 -8.11
N GLU A 307 17.59 0.04 -6.93
CA GLU A 307 17.14 -1.33 -6.77
C GLU A 307 15.79 -1.53 -7.49
N THR A 308 14.95 -0.50 -7.51
CA THR A 308 13.68 -0.59 -8.24
C THR A 308 13.93 -0.71 -9.78
N LYS A 309 14.83 0.13 -10.29
CA LYS A 309 15.21 0.09 -11.70
C LYS A 309 15.83 -1.26 -12.10
N ARG A 310 16.52 -1.87 -11.14
CA ARG A 310 17.28 -3.09 -11.35
C ARG A 310 16.32 -4.24 -11.48
N MET A 311 15.30 -4.29 -10.66
CA MET A 311 14.34 -5.36 -10.78
C MET A 311 13.37 -5.10 -11.96
N LYS A 312 13.25 -3.85 -12.39
CA LYS A 312 12.41 -3.51 -13.55
C LYS A 312 13.00 -4.11 -14.82
N ALA A 313 14.32 -4.03 -14.93
CA ALA A 313 15.05 -4.58 -16.08
C ALA A 313 14.94 -6.10 -16.17
N LEU A 314 14.90 -6.76 -15.01
CA LEU A 314 14.82 -8.22 -14.93
C LEU A 314 13.45 -8.77 -15.33
N ALA A 315 12.54 -7.88 -15.68
CA ALA A 315 11.21 -8.27 -16.14
C ALA A 315 10.85 -7.71 -17.51
N HIS A 316 11.66 -6.77 -18.05
CA HIS A 316 11.40 -6.06 -19.32
C HIS A 316 10.28 -5.01 -19.18
PA NAD B . -2.00 -14.65 -1.33
O1A NAD B . -1.14 -15.66 -2.01
O2A NAD B . -2.75 -15.23 -0.10
O5B NAD B . -2.94 -14.01 -2.48
C5B NAD B . -2.56 -13.85 -3.84
C4B NAD B . -3.75 -14.33 -4.65
O4B NAD B . -3.66 -13.99 -6.02
C3B NAD B . -3.93 -15.86 -4.55
O3B NAD B . -5.24 -16.15 -4.07
C2B NAD B . -3.67 -16.37 -5.97
O2B NAD B . -4.38 -17.56 -6.29
C1B NAD B . -4.10 -15.12 -6.77
N9A NAD B . -3.70 -14.92 -8.17
C8A NAD B . -2.65 -15.38 -8.98
N7A NAD B . -2.86 -14.88 -10.24
C5A NAD B . -4.02 -14.12 -10.22
C6A NAD B . -4.74 -13.34 -11.15
N6A NAD B . -4.34 -13.20 -12.41
N1A NAD B . -5.91 -12.69 -10.79
C2A NAD B . -6.38 -12.78 -9.50
N3A NAD B . -5.67 -13.53 -8.60
C4A NAD B . -4.53 -14.16 -8.94
O3 NAD B . -1.07 -13.39 -0.92
PN NAD B . -1.38 -12.17 0.08
O1N NAD B . -0.82 -12.44 1.45
O2N NAD B . -2.81 -11.76 -0.12
O5D NAD B . -0.37 -11.04 -0.56
C5D NAD B . -0.28 -10.94 -2.00
C4D NAD B . 0.79 -10.00 -2.61
O4D NAD B . 0.90 -8.79 -1.86
C3D NAD B . 2.20 -10.63 -2.76
O3D NAD B . 2.80 -10.40 -4.03
C2D NAD B . 2.98 -9.98 -1.63
O2D NAD B . 4.37 -9.95 -1.89
C1D NAD B . 2.29 -8.60 -1.57
N1N NAD B . 2.45 -7.83 -0.30
C2N NAD B . 2.70 -6.51 -0.47
C3N NAD B . 2.87 -5.66 0.61
C7N NAD B . 3.15 -4.22 0.31
O7N NAD B . 3.32 -3.39 1.43
N7N NAD B . 3.21 -3.71 -0.92
C4N NAD B . 2.79 -6.19 1.91
C5N NAD B . 2.52 -7.55 2.10
C6N NAD B . 2.36 -8.37 0.97
O6 BIK C . 10.16 -7.24 -1.98
O6 BIK C . 6.03 -6.78 3.81
C6 BIK C . 9.30 -7.72 -1.22
C6 BIK C . 6.43 -7.34 2.77
C7 BIK C . 8.74 -8.98 -1.51
C7 BIK C . 5.79 -8.52 2.40
C8 BIK C . 7.76 -9.56 -0.69
C8 BIK C . 6.18 -9.21 1.26
C8A BIK C . 7.34 -8.89 0.45
C8A BIK C . 7.23 -8.73 0.48
C4A BIK C . 7.92 -7.54 0.76
C4A BIK C . 7.93 -7.46 0.87
C5 BIK C . 8.90 -7.01 -0.09
C5 BIK C . 7.49 -6.81 2.02
C4 BIK C . 7.49 -6.87 1.90
C4 BIK C . 8.99 -6.98 0.09
C1 BIK C . 6.38 -9.46 1.27
C1 BIK C . 7.59 -9.43 -0.68
C2 BIK C . 5.95 -8.79 2.41
C2 BIK C . 8.65 -8.93 -1.46
O2 BIK C . 5.08 -9.32 3.15
O2 BIK C . 9.01 -9.54 -2.50
C3 BIK C . 6.52 -7.45 2.72
C3 BIK C . 9.37 -7.67 -1.07
C31 BIK C . 6.03 -6.75 3.97
C31 BIK C . 10.49 -7.21 -1.96
O32 BIK C . 6.47 -5.65 4.31
O32 BIK C . 11.12 -6.20 -1.71
O31 BIK C . 5.19 -7.29 4.67
O31 BIK C . 10.75 -7.89 -2.96
#